data_1CYY
#
_entry.id   1CYY
#
_cell.length_a   113.850
_cell.length_b   113.850
_cell.length_c   233.870
_cell.angle_alpha   90.00
_cell.angle_beta   90.00
_cell.angle_gamma   120.00
#
_symmetry.space_group_name_H-M   'P 61 2 2'
#
loop_
_entity.id
_entity.type
_entity.pdbx_description
1 polymer 'DNA TOPOISOMERASE I'
2 non-polymer 'ZINC ION'
3 water water
#
_entity_poly.entity_id   1
_entity_poly.type   'polypeptide(L)'
_entity_poly.pdbx_seq_one_letter_code
;FVPEEFWEVDASTTTPSGEALALQVTHQNDKPFRPVNKEQTQAAVSLLEKARYSVLEREDKPTTSKPGAPFITSTLQQAA
STRLGFGVKKTMMMAQRLYEAGYITYMRTDSTNLSQDAVNMVRGYISDNFGKKYLPESPNQYASKENSQEAHEAIRPSDV
NVMAESLKDMEADAQKLYQLIWRQFVACQMTPAKYDSTTLTVGAGDFRLKARGRILRFDGWTKVMPALRKGDEDRILPAV
NKGDALTLVELTPAQHFTKPPARF
;
_entity_poly.pdbx_strand_id   A,B
#
# COMPACT_ATOMS: atom_id res chain seq x y z
N GLU A 5 29.52 16.30 3.14
CA GLU A 5 28.49 15.22 3.15
C GLU A 5 27.86 15.09 4.52
N PHE A 6 26.71 14.42 4.57
CA PHE A 6 26.04 14.17 5.83
C PHE A 6 25.20 12.93 5.60
N TRP A 7 24.72 12.33 6.68
CA TRP A 7 23.93 11.13 6.56
C TRP A 7 22.55 11.25 7.18
N GLU A 8 21.63 10.43 6.69
CA GLU A 8 20.27 10.38 7.20
C GLU A 8 20.00 8.92 7.52
N VAL A 9 19.12 8.68 8.49
CA VAL A 9 18.77 7.30 8.82
C VAL A 9 17.25 7.16 8.88
N ASP A 10 16.72 6.25 8.09
CA ASP A 10 15.30 5.97 8.07
C ASP A 10 15.10 4.64 8.77
N ALA A 11 13.96 4.47 9.43
CA ALA A 11 13.67 3.25 10.15
C ALA A 11 12.30 2.68 9.81
N SER A 12 12.24 1.36 9.68
CA SER A 12 10.98 0.69 9.41
C SER A 12 10.62 0.02 10.72
N THR A 13 9.39 0.23 11.15
CA THR A 13 8.94 -0.37 12.39
C THR A 13 7.58 -0.97 12.19
N THR A 14 7.14 -1.72 13.18
CA THR A 14 5.84 -2.36 13.18
C THR A 14 5.03 -1.86 14.38
N THR A 15 3.79 -1.44 14.16
CA THR A 15 2.95 -0.94 15.24
C THR A 15 2.49 -2.10 16.10
N PRO A 16 1.82 -1.80 17.22
CA PRO A 16 1.35 -2.88 18.10
C PRO A 16 0.51 -3.92 17.37
N SER A 17 -0.32 -3.47 16.44
CA SER A 17 -1.19 -4.35 15.68
C SER A 17 -0.50 -4.95 14.45
N GLY A 18 0.82 -4.92 14.41
CA GLY A 18 1.55 -5.48 13.30
C GLY A 18 1.57 -4.70 11.98
N GLU A 19 1.22 -3.42 12.00
CA GLU A 19 1.24 -2.61 10.79
C GLU A 19 2.57 -1.89 10.56
N ALA A 20 2.89 -1.63 9.29
CA ALA A 20 4.12 -0.95 8.93
C ALA A 20 4.09 0.55 9.14
N LEU A 21 5.15 1.09 9.74
CA LEU A 21 5.28 2.52 10.00
C LEU A 21 6.71 2.98 9.74
N ALA A 22 6.90 3.78 8.70
CA ALA A 22 8.23 4.28 8.35
C ALA A 22 8.49 5.59 9.09
N LEU A 23 9.69 5.71 9.64
CA LEU A 23 10.07 6.88 10.39
C LEU A 23 11.43 7.38 9.92
N GLN A 24 11.71 8.65 10.18
CA GLN A 24 12.99 9.25 9.86
C GLN A 24 13.62 9.63 11.21
N VAL A 25 14.90 9.36 11.37
CA VAL A 25 15.55 9.74 12.64
C VAL A 25 15.76 11.25 12.53
N THR A 26 15.14 12.01 13.42
CA THR A 26 15.26 13.46 13.38
C THR A 26 16.17 14.06 14.43
N HIS A 27 16.21 13.47 15.62
CA HIS A 27 17.05 13.97 16.70
C HIS A 27 17.83 12.92 17.51
N GLN A 28 18.94 13.37 18.08
CA GLN A 28 19.76 12.57 18.97
C GLN A 28 20.22 13.51 20.07
N ASN A 29 19.96 13.13 21.31
CA ASN A 29 20.32 13.95 22.47
C ASN A 29 19.61 15.30 22.40
N ASP A 30 18.36 15.26 21.95
CA ASP A 30 17.51 16.43 21.84
C ASP A 30 17.93 17.48 20.81
N LYS A 31 18.90 17.15 19.98
CA LYS A 31 19.38 18.07 18.95
C LYS A 31 19.29 17.40 17.59
N PRO A 32 19.31 18.18 16.50
CA PRO A 32 19.22 17.62 15.15
C PRO A 32 20.22 16.52 14.84
N PHE A 33 19.72 15.43 14.26
CA PHE A 33 20.54 14.27 13.91
C PHE A 33 21.05 14.41 12.49
N ARG A 34 22.36 14.50 12.34
CA ARG A 34 22.95 14.66 11.02
C ARG A 34 24.42 14.26 11.08
N PRO A 35 24.70 12.97 11.32
CA PRO A 35 26.12 12.56 11.38
C PRO A 35 26.82 12.94 10.09
N VAL A 36 28.10 13.26 10.19
CA VAL A 36 28.84 13.67 9.01
C VAL A 36 29.63 12.59 8.28
N ASN A 37 29.76 11.39 8.87
CA ASN A 37 30.48 10.32 8.19
C ASN A 37 29.93 8.93 8.44
N LYS A 38 30.41 7.94 7.68
CA LYS A 38 29.91 6.58 7.85
C LYS A 38 30.13 6.10 9.28
N GLU A 39 31.30 6.43 9.81
CA GLU A 39 31.69 6.02 11.15
C GLU A 39 30.63 6.42 12.17
N GLN A 40 30.32 7.71 12.21
CA GLN A 40 29.31 8.21 13.15
C GLN A 40 27.93 7.61 12.88
N THR A 41 27.59 7.44 11.60
CA THR A 41 26.28 6.91 11.24
C THR A 41 26.12 5.45 11.68
N GLN A 42 27.14 4.64 11.42
CA GLN A 42 27.05 3.23 11.80
C GLN A 42 26.94 3.07 13.31
N ALA A 43 27.62 3.93 14.05
CA ALA A 43 27.55 3.90 15.51
C ALA A 43 26.12 4.24 15.93
N ALA A 44 25.53 5.24 15.28
CA ALA A 44 24.16 5.63 15.60
C ALA A 44 23.24 4.43 15.32
N VAL A 45 23.49 3.74 14.21
CA VAL A 45 22.68 2.58 13.87
C VAL A 45 22.76 1.50 14.98
N SER A 46 23.96 1.23 15.47
CA SER A 46 24.13 0.23 16.54
C SER A 46 23.25 0.59 17.71
N LEU A 47 23.31 1.86 18.13
CA LEU A 47 22.48 2.31 19.23
C LEU A 47 21.00 2.18 18.91
N LEU A 48 20.61 2.56 17.71
CA LEU A 48 19.20 2.50 17.27
C LEU A 48 18.71 1.05 17.27
N GLU A 49 19.59 0.15 16.89
CA GLU A 49 19.27 -1.28 16.86
C GLU A 49 18.86 -1.82 18.24
N LYS A 50 19.50 -1.31 19.28
CA LYS A 50 19.24 -1.80 20.64
C LYS A 50 18.21 -1.04 21.46
N ALA A 51 17.69 0.06 20.93
CA ALA A 51 16.72 0.86 21.68
C ALA A 51 15.29 0.33 21.68
N ARG A 52 14.51 0.77 22.66
CA ARG A 52 13.09 0.42 22.78
C ARG A 52 12.33 1.61 22.20
N TYR A 53 11.51 1.36 21.19
CA TYR A 53 10.76 2.42 20.54
C TYR A 53 9.33 2.56 21.08
N SER A 54 8.89 3.79 21.32
CA SER A 54 7.53 4.04 21.78
C SER A 54 7.07 5.39 21.24
N VAL A 55 5.76 5.55 21.10
CA VAL A 55 5.22 6.80 20.59
C VAL A 55 5.14 7.81 21.72
N LEU A 56 5.89 8.90 21.59
CA LEU A 56 5.92 9.97 22.59
C LEU A 56 4.78 10.96 22.42
N GLU A 57 4.35 11.18 21.19
CA GLU A 57 3.28 12.13 20.94
C GLU A 57 2.67 11.95 19.56
N ARG A 58 1.38 12.26 19.47
CA ARG A 58 0.64 12.19 18.23
C ARG A 58 -0.17 13.47 18.15
N GLU A 59 0.15 14.32 17.20
CA GLU A 59 -0.56 15.59 17.05
C GLU A 59 -1.53 15.51 15.88
N ASP A 60 -2.81 15.66 16.17
CA ASP A 60 -3.84 15.57 15.14
C ASP A 60 -4.51 16.88 14.75
N LYS A 61 -4.90 16.95 13.48
CA LYS A 61 -5.63 18.08 12.90
C LYS A 61 -6.66 17.38 12.03
N PRO A 62 -7.94 17.39 12.43
CA PRO A 62 -8.98 16.72 11.64
C PRO A 62 -9.11 17.27 10.23
N THR A 63 -9.23 16.38 9.25
CA THR A 63 -9.39 16.80 7.87
C THR A 63 -10.35 15.85 7.18
N THR A 64 -10.96 16.32 6.11
CA THR A 64 -11.89 15.50 5.35
C THR A 64 -11.50 15.58 3.88
N SER A 65 -11.73 14.51 3.15
CA SER A 65 -11.40 14.49 1.73
C SER A 65 -12.64 14.22 0.89
N LYS A 66 -13.07 15.21 0.11
CA LYS A 66 -14.26 15.10 -0.75
C LYS A 66 -14.02 14.30 -2.01
N PRO A 67 -15.01 13.47 -2.41
CA PRO A 67 -14.76 12.70 -3.63
C PRO A 67 -14.67 13.70 -4.80
N GLY A 68 -14.05 13.27 -5.89
CA GLY A 68 -13.94 14.16 -7.04
C GLY A 68 -15.21 14.07 -7.87
N ALA A 69 -15.40 15.00 -8.78
CA ALA A 69 -16.57 15.01 -9.66
C ALA A 69 -16.55 13.84 -10.66
N PRO A 70 -17.71 13.49 -11.21
CA PRO A 70 -17.70 12.39 -12.19
C PRO A 70 -16.86 12.87 -13.38
N PHE A 71 -16.32 11.94 -14.15
CA PHE A 71 -15.45 12.32 -15.25
C PHE A 71 -16.06 13.09 -16.42
N ILE A 72 -15.20 13.85 -17.09
CA ILE A 72 -15.53 14.54 -18.31
C ILE A 72 -14.35 14.11 -19.17
N THR A 73 -14.34 14.49 -20.43
CA THR A 73 -13.26 14.07 -21.31
C THR A 73 -11.86 14.34 -20.81
N SER A 74 -11.63 15.56 -20.32
CA SER A 74 -10.31 15.91 -19.81
C SER A 74 -9.89 15.09 -18.58
N THR A 75 -10.75 15.04 -17.57
CA THR A 75 -10.41 14.31 -16.36
C THR A 75 -10.30 12.80 -16.56
N LEU A 76 -11.05 12.25 -17.53
CA LEU A 76 -10.96 10.82 -17.80
C LEU A 76 -9.61 10.51 -18.43
N GLN A 77 -9.15 11.39 -19.31
CA GLN A 77 -7.87 11.21 -19.98
C GLN A 77 -6.71 11.29 -18.97
N GLN A 78 -6.81 12.21 -18.02
CA GLN A 78 -5.79 12.35 -17.00
C GLN A 78 -5.79 11.12 -16.05
N ALA A 79 -6.98 10.68 -15.63
CA ALA A 79 -7.08 9.54 -14.71
C ALA A 79 -6.65 8.23 -15.38
N ALA A 80 -7.02 8.04 -16.64
CA ALA A 80 -6.67 6.81 -17.34
C ALA A 80 -5.15 6.73 -17.53
N SER A 81 -4.54 7.89 -17.77
CA SER A 81 -3.10 7.95 -17.94
C SER A 81 -2.40 7.57 -16.65
N THR A 82 -2.80 8.23 -15.56
CA THR A 82 -2.25 8.02 -14.23
C THR A 82 -2.51 6.64 -13.64
N ARG A 83 -3.78 6.23 -13.59
CA ARG A 83 -4.11 4.95 -13.00
C ARG A 83 -3.91 3.73 -13.89
N LEU A 84 -4.07 3.91 -15.20
CA LEU A 84 -3.95 2.79 -16.11
C LEU A 84 -2.78 2.85 -17.08
N GLY A 85 -2.16 4.00 -17.22
CA GLY A 85 -1.05 4.14 -18.15
C GLY A 85 -1.50 4.27 -19.60
N PHE A 86 -2.78 4.58 -19.82
CA PHE A 86 -3.33 4.73 -21.16
C PHE A 86 -3.09 6.12 -21.73
N GLY A 87 -2.61 6.18 -22.97
CA GLY A 87 -2.40 7.46 -23.60
C GLY A 87 -3.75 8.03 -24.03
N VAL A 88 -3.77 9.25 -24.53
CA VAL A 88 -5.01 9.87 -24.94
C VAL A 88 -5.75 9.11 -26.05
N LYS A 89 -5.01 8.61 -27.04
CA LYS A 89 -5.58 7.87 -28.15
C LYS A 89 -6.28 6.59 -27.68
N LYS A 90 -5.58 5.78 -26.89
CA LYS A 90 -6.18 4.54 -26.40
C LYS A 90 -7.40 4.81 -25.55
N THR A 91 -7.33 5.86 -24.73
CA THR A 91 -8.44 6.21 -23.85
C THR A 91 -9.71 6.55 -24.61
N MET A 92 -9.60 7.43 -25.60
CA MET A 92 -10.77 7.81 -26.39
C MET A 92 -11.30 6.62 -27.20
N MET A 93 -10.40 5.77 -27.68
CA MET A 93 -10.81 4.60 -28.44
C MET A 93 -11.63 3.64 -27.58
N MET A 94 -11.12 3.32 -26.39
CA MET A 94 -11.84 2.42 -25.51
C MET A 94 -13.15 3.05 -25.04
N ALA A 95 -13.13 4.36 -24.80
CA ALA A 95 -14.33 5.06 -24.36
C ALA A 95 -15.37 5.00 -25.46
N GLN A 96 -14.90 5.13 -26.70
CA GLN A 96 -15.74 5.06 -27.88
C GLN A 96 -16.44 3.70 -27.95
N ARG A 97 -15.64 2.63 -27.85
CA ARG A 97 -16.19 1.28 -27.88
C ARG A 97 -17.22 1.08 -26.77
N LEU A 98 -16.93 1.60 -25.58
CA LEU A 98 -17.85 1.45 -24.45
C LEU A 98 -19.13 2.23 -24.75
N TYR A 99 -18.99 3.43 -25.29
CA TYR A 99 -20.16 4.24 -25.58
C TYR A 99 -21.06 3.55 -26.62
N GLU A 100 -20.43 3.00 -27.66
CA GLU A 100 -21.17 2.35 -28.73
C GLU A 100 -21.82 1.02 -28.36
N ALA A 101 -21.27 0.37 -27.35
CA ALA A 101 -21.83 -0.90 -26.90
C ALA A 101 -22.99 -0.56 -25.96
N GLY A 102 -23.11 0.72 -25.63
CA GLY A 102 -24.17 1.17 -24.75
C GLY A 102 -23.85 1.07 -23.26
N TYR A 103 -22.59 0.92 -22.92
CA TYR A 103 -22.20 0.79 -21.52
C TYR A 103 -21.98 2.10 -20.75
N ILE A 104 -21.67 3.19 -21.46
CA ILE A 104 -21.45 4.49 -20.81
C ILE A 104 -22.03 5.67 -21.61
N THR A 105 -22.13 6.83 -20.96
CA THR A 105 -22.66 8.02 -21.61
C THR A 105 -21.65 8.52 -22.63
N TYR A 106 -22.07 9.47 -23.45
CA TYR A 106 -21.20 10.02 -24.50
C TYR A 106 -19.85 10.44 -23.94
N MET A 107 -18.77 10.08 -24.63
CA MET A 107 -17.42 10.37 -24.15
C MET A 107 -16.82 11.74 -24.43
N ARG A 108 -17.53 12.58 -25.18
N ARG A 108 -17.52 12.59 -25.17
CA ARG A 108 -17.05 13.93 -25.46
CA ARG A 108 -17.03 13.94 -25.45
C ARG A 108 -17.94 14.91 -24.72
C ARG A 108 -17.93 14.91 -24.72
N THR A 109 -17.47 15.35 -23.56
CA THR A 109 -18.24 16.26 -22.72
C THR A 109 -17.32 17.04 -21.79
N ASP A 110 -17.71 18.26 -21.48
CA ASP A 110 -16.93 19.06 -20.56
C ASP A 110 -17.85 19.50 -19.42
N SER A 111 -18.91 18.74 -19.19
CA SER A 111 -19.85 19.05 -18.12
C SER A 111 -19.90 17.88 -17.14
N THR A 112 -19.85 18.19 -15.85
CA THR A 112 -19.92 17.18 -14.79
C THR A 112 -21.38 16.89 -14.39
N ASN A 113 -22.31 17.44 -15.16
CA ASN A 113 -23.73 17.24 -14.90
C ASN A 113 -24.15 15.76 -14.85
N LEU A 114 -25.02 15.43 -13.90
CA LEU A 114 -25.54 14.09 -13.75
C LEU A 114 -27.06 14.20 -13.86
N SER A 115 -27.69 13.35 -14.66
CA SER A 115 -29.15 13.44 -14.77
C SER A 115 -29.78 12.93 -13.46
N GLN A 116 -31.03 13.32 -13.24
CA GLN A 116 -31.79 12.95 -12.06
C GLN A 116 -31.87 11.43 -11.92
N ASP A 117 -32.16 10.73 -13.01
CA ASP A 117 -32.26 9.29 -12.94
C ASP A 117 -30.90 8.66 -12.56
N ALA A 118 -29.82 9.30 -12.97
CA ALA A 118 -28.46 8.79 -12.65
C ALA A 118 -28.15 9.01 -11.17
N VAL A 119 -28.51 10.17 -10.65
CA VAL A 119 -28.28 10.45 -9.24
C VAL A 119 -29.09 9.46 -8.38
N ASN A 120 -30.37 9.27 -8.70
CA ASN A 120 -31.22 8.35 -7.93
C ASN A 120 -30.72 6.91 -8.02
N MET A 121 -30.27 6.54 -9.21
CA MET A 121 -29.75 5.19 -9.43
C MET A 121 -28.48 4.91 -8.60
N VAL A 122 -27.54 5.84 -8.58
CA VAL A 122 -26.30 5.61 -7.82
C VAL A 122 -26.52 5.71 -6.31
N ARG A 123 -27.38 6.63 -5.88
CA ARG A 123 -27.66 6.74 -4.47
C ARG A 123 -28.37 5.47 -3.98
N GLY A 124 -29.16 4.87 -4.85
CA GLY A 124 -29.85 3.65 -4.48
C GLY A 124 -28.81 2.56 -4.31
N TYR A 125 -27.88 2.48 -5.26
CA TYR A 125 -26.81 1.49 -5.20
C TYR A 125 -25.97 1.66 -3.93
N ILE A 126 -25.61 2.91 -3.61
CA ILE A 126 -24.81 3.19 -2.43
C ILE A 126 -25.60 2.79 -1.17
N SER A 127 -26.88 3.13 -1.15
CA SER A 127 -27.73 2.79 -0.04
C SER A 127 -27.86 1.26 0.14
N ASP A 128 -27.86 0.51 -0.95
CA ASP A 128 -27.98 -0.95 -0.89
C ASP A 128 -26.70 -1.71 -0.54
N ASN A 129 -25.54 -1.16 -0.90
CA ASN A 129 -24.28 -1.86 -0.67
C ASN A 129 -23.35 -1.33 0.41
N PHE A 130 -23.68 -0.19 0.99
CA PHE A 130 -22.83 0.38 2.02
C PHE A 130 -23.67 0.83 3.21
N GLY A 131 -23.01 1.03 4.34
CA GLY A 131 -23.71 1.48 5.54
C GLY A 131 -24.24 2.88 5.30
N LYS A 132 -25.13 3.34 6.17
CA LYS A 132 -25.71 4.67 6.00
C LYS A 132 -24.72 5.82 6.08
N LYS A 133 -23.56 5.61 6.72
CA LYS A 133 -22.56 6.67 6.83
C LYS A 133 -21.93 7.00 5.47
N TYR A 134 -22.17 6.13 4.49
CA TYR A 134 -21.62 6.34 3.17
C TYR A 134 -22.49 7.14 2.22
N LEU A 135 -23.72 7.43 2.64
CA LEU A 135 -24.67 8.19 1.82
C LEU A 135 -24.91 9.59 2.36
N PRO A 136 -24.56 10.61 1.57
CA PRO A 136 -24.76 11.99 2.02
C PRO A 136 -26.27 12.25 2.14
N GLU A 137 -26.62 13.28 2.91
CA GLU A 137 -28.01 13.66 3.11
C GLU A 137 -28.62 14.05 1.78
N SER A 138 -27.89 14.87 1.02
CA SER A 138 -28.29 15.34 -0.30
C SER A 138 -27.24 14.94 -1.32
N PRO A 139 -27.63 14.91 -2.61
CA PRO A 139 -26.71 14.53 -3.68
C PRO A 139 -25.52 15.49 -3.71
N ASN A 140 -24.35 14.99 -4.12
CA ASN A 140 -23.19 15.86 -4.24
C ASN A 140 -23.30 16.54 -5.59
N GLN A 141 -23.18 17.86 -5.60
CA GLN A 141 -23.29 18.64 -6.82
C GLN A 141 -21.93 19.13 -7.29
N TYR A 142 -21.72 19.09 -8.60
CA TYR A 142 -20.47 19.57 -9.18
C TYR A 142 -20.97 20.39 -10.38
N ALA A 143 -20.38 21.56 -10.63
CA ALA A 143 -20.80 22.41 -11.75
C ALA A 143 -22.16 23.05 -11.51
N SER A 144 -22.25 24.37 -11.69
CA SER A 144 -23.50 25.08 -11.46
C SER A 144 -24.41 24.92 -12.67
N LYS A 145 -25.66 24.57 -12.38
CA LYS A 145 -26.73 24.34 -13.36
C LYS A 145 -27.17 22.89 -13.24
N GLU A 146 -28.48 22.68 -13.25
CA GLU A 146 -29.08 21.35 -13.11
C GLU A 146 -29.34 20.71 -14.47
N ASN A 147 -29.73 19.45 -14.48
CA ASN A 147 -29.98 18.74 -15.74
C ASN A 147 -31.37 19.04 -16.33
N SER A 148 -31.50 18.86 -17.63
CA SER A 148 -32.75 19.09 -18.34
C SER A 148 -32.73 18.46 -19.73
N GLN A 149 -32.98 17.15 -19.78
CA GLN A 149 -33.02 16.42 -21.04
C GLN A 149 -31.72 16.50 -21.85
N GLU A 150 -31.76 17.23 -22.96
CA GLU A 150 -30.62 17.36 -23.86
C GLU A 150 -29.37 18.05 -23.32
N ALA A 151 -29.32 18.31 -22.02
CA ALA A 151 -28.14 18.95 -21.46
C ALA A 151 -26.98 17.95 -21.52
N HIS A 152 -25.76 18.41 -21.25
CA HIS A 152 -24.61 17.50 -21.27
C HIS A 152 -24.60 16.68 -19.98
N GLU A 153 -23.91 15.55 -20.02
CA GLU A 153 -23.76 14.71 -18.83
C GLU A 153 -22.30 14.28 -18.69
N ALA A 154 -21.89 13.99 -17.46
CA ALA A 154 -20.53 13.52 -17.22
C ALA A 154 -20.46 12.15 -17.89
N ILE A 155 -19.25 11.60 -17.97
CA ILE A 155 -19.05 10.28 -18.53
C ILE A 155 -19.31 9.34 -17.36
N ARG A 156 -20.34 8.51 -17.49
CA ARG A 156 -20.69 7.61 -16.39
C ARG A 156 -21.26 6.33 -16.93
N PRO A 157 -21.46 5.32 -16.06
CA PRO A 157 -22.03 4.04 -16.47
C PRO A 157 -23.49 4.28 -16.83
N SER A 158 -23.99 3.55 -17.82
CA SER A 158 -25.39 3.68 -18.21
C SER A 158 -26.24 3.06 -17.10
N ASP A 159 -25.69 1.99 -16.50
CA ASP A 159 -26.38 1.27 -15.42
C ASP A 159 -25.35 0.90 -14.35
N VAL A 160 -25.50 1.44 -13.15
CA VAL A 160 -24.53 1.14 -12.08
C VAL A 160 -24.51 -0.29 -11.62
N ASN A 161 -25.60 -1.03 -11.79
CA ASN A 161 -25.61 -2.43 -11.37
C ASN A 161 -24.72 -3.27 -12.28
N VAL A 162 -24.25 -2.68 -13.38
CA VAL A 162 -23.37 -3.40 -14.30
C VAL A 162 -21.91 -3.10 -13.96
N MET A 163 -21.18 -4.12 -13.51
CA MET A 163 -19.77 -3.99 -13.15
C MET A 163 -18.88 -4.39 -14.33
N ALA A 164 -17.66 -3.85 -14.34
CA ALA A 164 -16.70 -4.12 -15.40
C ALA A 164 -16.56 -5.61 -15.72
N GLU A 165 -16.58 -6.43 -14.68
CA GLU A 165 -16.46 -7.87 -14.84
C GLU A 165 -17.55 -8.47 -15.74
N SER A 166 -18.74 -7.89 -15.71
CA SER A 166 -19.82 -8.39 -16.56
C SER A 166 -19.66 -8.09 -18.04
N LEU A 167 -18.74 -7.20 -18.39
CA LEU A 167 -18.52 -6.85 -19.80
C LEU A 167 -17.61 -7.89 -20.48
N LYS A 168 -18.07 -9.13 -20.49
CA LYS A 168 -17.32 -10.25 -21.05
C LYS A 168 -17.00 -10.09 -22.55
N ASP A 169 -17.75 -9.21 -23.22
CA ASP A 169 -17.57 -8.98 -24.64
C ASP A 169 -16.57 -7.89 -25.02
N MET A 170 -16.24 -7.01 -24.09
CA MET A 170 -15.30 -5.92 -24.37
C MET A 170 -13.88 -6.37 -24.09
N GLU A 171 -12.90 -5.77 -24.77
CA GLU A 171 -11.52 -6.16 -24.52
C GLU A 171 -11.06 -5.74 -23.14
N ALA A 172 -9.95 -6.32 -22.70
CA ALA A 172 -9.39 -6.04 -21.39
C ALA A 172 -9.30 -4.56 -21.04
N ASP A 173 -8.69 -3.74 -21.90
CA ASP A 173 -8.54 -2.32 -21.63
C ASP A 173 -9.87 -1.59 -21.48
N ALA A 174 -10.85 -1.96 -22.28
CA ALA A 174 -12.17 -1.33 -22.22
C ALA A 174 -12.80 -1.63 -20.86
N GLN A 175 -12.65 -2.87 -20.41
CA GLN A 175 -13.18 -3.26 -19.11
C GLN A 175 -12.48 -2.47 -18.01
N LYS A 176 -11.17 -2.31 -18.11
CA LYS A 176 -10.44 -1.57 -17.08
C LYS A 176 -10.87 -0.09 -17.09
N LEU A 177 -11.05 0.48 -18.27
CA LEU A 177 -11.46 1.87 -18.38
C LEU A 177 -12.87 2.00 -17.82
N TYR A 178 -13.72 1.00 -18.09
CA TYR A 178 -15.08 1.05 -17.55
C TYR A 178 -15.06 1.02 -16.03
N GLN A 179 -14.22 0.15 -15.46
CA GLN A 179 -14.16 0.05 -14.00
C GLN A 179 -13.77 1.41 -13.40
N LEU A 180 -12.82 2.08 -14.04
CA LEU A 180 -12.37 3.39 -13.60
C LEU A 180 -13.51 4.41 -13.66
N ILE A 181 -14.23 4.44 -14.77
CA ILE A 181 -15.36 5.37 -14.93
C ILE A 181 -16.42 5.05 -13.89
N TRP A 182 -16.73 3.75 -13.73
CA TRP A 182 -17.74 3.28 -12.78
C TRP A 182 -17.42 3.70 -11.34
N ARG A 183 -16.15 3.52 -10.94
CA ARG A 183 -15.74 3.87 -9.58
C ARG A 183 -15.81 5.36 -9.28
N GLN A 184 -15.35 6.18 -10.23
CA GLN A 184 -15.36 7.63 -10.05
C GLN A 184 -16.81 8.10 -9.88
N PHE A 185 -17.71 7.55 -10.68
CA PHE A 185 -19.12 7.89 -10.63
C PHE A 185 -19.77 7.54 -9.29
N VAL A 186 -19.61 6.30 -8.87
CA VAL A 186 -20.19 5.85 -7.60
C VAL A 186 -19.58 6.65 -6.44
N ALA A 187 -18.26 6.83 -6.46
CA ALA A 187 -17.60 7.56 -5.40
C ALA A 187 -18.01 9.03 -5.32
N CYS A 188 -18.33 9.63 -6.47
CA CYS A 188 -18.66 11.05 -6.45
C CYS A 188 -19.94 11.34 -5.67
N GLN A 189 -20.75 10.31 -5.44
CA GLN A 189 -21.98 10.46 -4.69
C GLN A 189 -21.91 9.83 -3.29
N MET A 190 -20.69 9.55 -2.83
CA MET A 190 -20.52 8.99 -1.49
C MET A 190 -20.00 10.10 -0.56
N THR A 191 -19.97 9.83 0.74
CA THR A 191 -19.51 10.83 1.69
C THR A 191 -17.99 11.00 1.67
N PRO A 192 -17.49 12.11 2.25
CA PRO A 192 -16.05 12.40 2.30
C PRO A 192 -15.31 11.37 3.16
N ALA A 193 -14.01 11.25 2.90
CA ALA A 193 -13.18 10.35 3.70
C ALA A 193 -12.75 11.25 4.86
N LYS A 194 -12.58 10.69 6.04
CA LYS A 194 -12.15 11.51 7.16
C LYS A 194 -10.82 11.02 7.68
N TYR A 195 -9.90 11.96 7.85
CA TYR A 195 -8.56 11.67 8.36
C TYR A 195 -8.15 12.58 9.50
N ASP A 196 -6.98 12.26 10.04
CA ASP A 196 -6.34 13.02 11.10
C ASP A 196 -4.98 13.32 10.48
N SER A 197 -4.78 14.57 10.08
CA SER A 197 -3.52 15.01 9.51
C SER A 197 -2.62 15.02 10.75
N THR A 198 -1.66 14.10 10.79
CA THR A 198 -0.80 13.92 11.96
C THR A 198 0.71 14.03 11.80
N THR A 199 1.34 14.12 12.96
CA THR A 199 2.79 14.12 13.10
C THR A 199 2.98 13.19 14.29
N LEU A 200 3.70 12.10 14.08
CA LEU A 200 3.96 11.16 15.14
C LEU A 200 5.41 11.33 15.58
N THR A 201 5.63 11.45 16.88
CA THR A 201 6.99 11.58 17.40
C THR A 201 7.27 10.30 18.17
N VAL A 202 8.38 9.65 17.85
CA VAL A 202 8.75 8.41 18.49
C VAL A 202 10.08 8.57 19.24
N GLY A 203 10.17 7.92 20.39
CA GLY A 203 11.40 7.99 21.15
C GLY A 203 12.05 6.63 21.18
N ALA A 204 13.36 6.59 20.97
CA ALA A 204 14.12 5.35 20.98
C ALA A 204 15.48 5.67 21.61
N GLY A 205 15.67 5.30 22.88
CA GLY A 205 16.92 5.58 23.56
C GLY A 205 17.17 7.07 23.56
N ASP A 206 18.33 7.50 23.04
CA ASP A 206 18.63 8.93 22.99
C ASP A 206 18.07 9.61 21.72
N PHE A 207 17.45 8.84 20.85
CA PHE A 207 16.93 9.38 19.59
C PHE A 207 15.45 9.71 19.57
N ARG A 208 15.09 10.54 18.60
CA ARG A 208 13.71 10.91 18.41
C ARG A 208 13.52 10.69 16.90
N LEU A 209 12.39 10.10 16.53
CA LEU A 209 12.08 9.85 15.12
C LEU A 209 10.70 10.44 14.84
N LYS A 210 10.38 10.66 13.57
CA LYS A 210 9.09 11.23 13.23
C LYS A 210 8.53 10.71 11.92
N ALA A 211 7.22 10.81 11.79
CA ALA A 211 6.51 10.43 10.58
C ALA A 211 5.40 11.46 10.47
N ARG A 212 5.14 11.92 9.24
CA ARG A 212 4.07 12.89 9.01
C ARG A 212 3.19 12.35 7.90
N GLY A 213 1.88 12.55 8.04
CA GLY A 213 0.95 12.07 7.05
C GLY A 213 -0.45 12.13 7.59
N ARG A 214 -1.25 11.12 7.31
CA ARG A 214 -2.60 11.13 7.80
C ARG A 214 -3.09 9.75 8.17
N ILE A 215 -3.83 9.71 9.27
CA ILE A 215 -4.39 8.47 9.75
C ILE A 215 -5.86 8.46 9.36
N LEU A 216 -6.29 7.34 8.79
CA LEU A 216 -7.66 7.16 8.33
C LEU A 216 -8.63 6.96 9.48
N ARG A 217 -9.71 7.74 9.48
CA ARG A 217 -10.75 7.61 10.49
C ARG A 217 -12.01 7.02 9.85
N PHE A 218 -12.29 7.43 8.61
CA PHE A 218 -13.46 6.90 7.89
C PHE A 218 -13.14 6.94 6.40
N ASP A 219 -13.17 5.78 5.76
CA ASP A 219 -12.82 5.71 4.35
C ASP A 219 -13.79 6.40 3.40
N GLY A 220 -15.08 6.41 3.75
CA GLY A 220 -16.06 7.07 2.90
C GLY A 220 -15.92 6.67 1.45
N TRP A 221 -15.84 7.64 0.54
CA TRP A 221 -15.74 7.32 -0.89
C TRP A 221 -14.51 6.47 -1.28
N THR A 222 -13.44 6.52 -0.49
CA THR A 222 -12.25 5.74 -0.81
C THR A 222 -12.47 4.24 -0.76
N LYS A 223 -13.60 3.82 -0.18
CA LYS A 223 -13.91 2.40 -0.13
C LYS A 223 -14.13 1.85 -1.55
N VAL A 224 -14.61 2.68 -2.46
CA VAL A 224 -14.82 2.20 -3.83
C VAL A 224 -13.71 2.68 -4.75
N MET A 225 -13.24 3.90 -4.51
CA MET A 225 -12.17 4.46 -5.34
C MET A 225 -10.97 4.76 -4.45
N PRO A 226 -9.97 3.88 -4.47
CA PRO A 226 -8.78 4.08 -3.65
C PRO A 226 -8.16 5.45 -3.94
N ALA A 227 -7.85 6.20 -2.89
CA ALA A 227 -7.26 7.52 -3.07
C ALA A 227 -5.80 7.38 -3.48
N LEU A 228 -5.35 8.22 -4.41
CA LEU A 228 -3.98 8.16 -4.86
C LEU A 228 -2.99 8.55 -3.75
N ASP A 234 -1.08 13.80 2.89
CA ASP A 234 0.10 13.04 2.52
C ASP A 234 -0.19 11.53 2.55
N ARG A 235 0.82 10.76 2.93
CA ARG A 235 0.71 9.31 3.01
C ARG A 235 -0.16 8.84 4.17
N ILE A 236 -0.75 7.65 4.03
CA ILE A 236 -1.59 7.12 5.10
C ILE A 236 -0.75 6.35 6.12
N LEU A 237 -0.82 6.81 7.36
CA LEU A 237 -0.08 6.18 8.45
C LEU A 237 -0.99 5.28 9.25
N PRO A 238 -0.47 4.17 9.74
CA PRO A 238 -1.33 3.28 10.54
C PRO A 238 -1.69 4.03 11.82
N ALA A 239 -2.83 3.73 12.41
CA ALA A 239 -3.20 4.42 13.63
C ALA A 239 -2.36 3.89 14.80
N VAL A 240 -1.84 4.80 15.61
CA VAL A 240 -1.07 4.46 16.80
C VAL A 240 -1.39 5.51 17.84
N ASN A 241 -1.23 5.16 19.10
CA ASN A 241 -1.52 6.10 20.18
C ASN A 241 -0.29 6.36 21.02
N LYS A 242 -0.27 7.50 21.68
CA LYS A 242 0.82 7.88 22.55
C LYS A 242 1.01 6.71 23.52
N GLY A 243 2.26 6.32 23.74
CA GLY A 243 2.52 5.22 24.66
C GLY A 243 2.68 3.87 24.00
N ASP A 244 2.22 3.73 22.77
CA ASP A 244 2.33 2.46 22.05
C ASP A 244 3.79 2.09 21.80
N ALA A 245 4.06 0.80 21.79
CA ALA A 245 5.41 0.29 21.55
C ALA A 245 5.51 -0.12 20.09
N LEU A 246 6.67 0.12 19.49
CA LEU A 246 6.91 -0.24 18.09
C LEU A 246 8.04 -1.26 18.05
N THR A 247 8.06 -2.10 17.02
CA THR A 247 9.12 -3.09 16.86
C THR A 247 9.98 -2.64 15.68
N LEU A 248 11.28 -2.48 15.90
CA LEU A 248 12.15 -2.05 14.82
C LEU A 248 12.42 -3.24 13.92
N VAL A 249 12.25 -3.02 12.62
CA VAL A 249 12.47 -4.08 11.67
C VAL A 249 13.63 -3.81 10.72
N GLU A 250 13.90 -2.54 10.43
CA GLU A 250 14.98 -2.21 9.52
C GLU A 250 15.46 -0.77 9.71
N LEU A 251 16.76 -0.57 9.47
CA LEU A 251 17.36 0.77 9.57
C LEU A 251 18.06 0.95 8.25
N THR A 252 17.92 2.13 7.67
CA THR A 252 18.53 2.40 6.37
C THR A 252 19.30 3.71 6.41
N PRO A 253 20.63 3.62 6.54
CA PRO A 253 21.38 4.87 6.55
C PRO A 253 21.72 5.22 5.10
N ALA A 254 21.69 6.52 4.78
CA ALA A 254 22.03 6.93 3.42
C ALA A 254 22.94 8.13 3.47
N GLN A 255 23.80 8.25 2.46
CA GLN A 255 24.75 9.36 2.40
C GLN A 255 24.29 10.42 1.41
N HIS A 256 24.30 11.67 1.88
CA HIS A 256 23.91 12.80 1.05
C HIS A 256 25.06 13.79 0.94
N PHE A 257 25.08 14.57 -0.13
CA PHE A 257 26.11 15.59 -0.32
C PHE A 257 25.48 16.96 -0.46
N THR A 258 26.06 17.96 0.22
CA THR A 258 25.56 19.32 0.16
C THR A 258 25.45 19.82 -1.27
N LYS A 259 26.44 19.47 -2.10
CA LYS A 259 26.44 19.87 -3.50
C LYS A 259 26.58 18.66 -4.43
N PHE B 1 21.69 -6.19 14.13
CA PHE B 1 20.93 -6.33 12.85
C PHE B 1 21.83 -6.82 11.74
N VAL B 2 21.22 -7.31 10.68
CA VAL B 2 21.97 -7.85 9.55
C VAL B 2 22.07 -6.91 8.37
N PRO B 3 23.29 -6.46 8.04
CA PRO B 3 23.45 -5.56 6.90
C PRO B 3 23.28 -6.37 5.63
N GLU B 4 22.64 -5.78 4.62
CA GLU B 4 22.45 -6.47 3.36
C GLU B 4 23.84 -6.67 2.79
N GLU B 5 24.00 -7.65 1.92
CA GLU B 5 25.32 -7.91 1.36
C GLU B 5 25.81 -6.85 0.39
N PHE B 6 24.89 -6.11 -0.20
CA PHE B 6 25.26 -5.08 -1.16
C PHE B 6 24.65 -3.72 -0.86
N TRP B 7 25.42 -2.67 -1.08
CA TRP B 7 24.92 -1.32 -0.87
C TRP B 7 24.12 -1.04 -2.12
N GLU B 8 23.44 0.10 -2.13
CA GLU B 8 22.72 0.49 -3.33
C GLU B 8 22.84 1.99 -3.48
N VAL B 9 22.61 2.46 -4.69
CA VAL B 9 22.71 3.87 -4.98
C VAL B 9 21.44 4.36 -5.64
N ASP B 10 20.79 5.33 -4.99
CA ASP B 10 19.56 5.90 -5.52
C ASP B 10 19.85 7.25 -6.13
N ALA B 11 19.02 7.62 -7.12
CA ALA B 11 19.16 8.91 -7.77
C ALA B 11 17.83 9.65 -7.66
N SER B 12 17.94 10.92 -7.30
CA SER B 12 16.80 11.79 -7.17
C SER B 12 16.83 12.59 -8.50
N THR B 13 15.79 12.47 -9.31
CA THR B 13 15.76 13.20 -10.57
C THR B 13 14.45 13.94 -10.81
N THR B 14 14.40 14.64 -11.93
CA THR B 14 13.23 15.39 -12.35
C THR B 14 12.97 15.09 -13.83
N THR B 15 11.69 15.05 -14.18
CA THR B 15 11.26 14.78 -15.55
C THR B 15 11.14 16.09 -16.33
N PRO B 16 10.86 16.00 -17.65
CA PRO B 16 10.72 17.19 -18.47
C PRO B 16 9.63 18.13 -17.93
N SER B 17 8.66 17.58 -17.20
CA SER B 17 7.57 18.39 -16.65
C SER B 17 7.90 18.93 -15.27
N GLY B 18 9.11 18.65 -14.80
CA GLY B 18 9.51 19.14 -13.49
C GLY B 18 9.04 18.28 -12.33
N GLU B 19 8.67 17.04 -12.59
CA GLU B 19 8.22 16.18 -11.51
C GLU B 19 9.32 15.28 -10.96
N ALA B 20 9.31 15.11 -9.65
CA ALA B 20 10.30 14.28 -8.98
C ALA B 20 10.18 12.82 -9.43
N LEU B 21 11.32 12.20 -9.67
CA LEU B 21 11.36 10.79 -10.06
C LEU B 21 12.55 10.15 -9.34
N ALA B 22 12.27 9.15 -8.49
CA ALA B 22 13.29 8.45 -7.72
C ALA B 22 13.74 7.17 -8.43
N LEU B 23 15.05 6.98 -8.56
CA LEU B 23 15.57 5.81 -9.27
C LEU B 23 16.57 5.01 -8.45
N GLN B 24 16.78 3.75 -8.85
CA GLN B 24 17.77 2.93 -8.17
C GLN B 24 18.70 2.36 -9.26
N VAL B 25 20.00 2.40 -9.01
CA VAL B 25 20.96 1.87 -9.98
C VAL B 25 20.85 0.35 -9.94
N THR B 26 20.71 -0.27 -11.11
CA THR B 26 20.56 -1.72 -11.19
C THR B 26 21.71 -2.38 -11.96
N HIS B 27 22.35 -1.63 -12.86
CA HIS B 27 23.44 -2.17 -13.65
C HIS B 27 24.58 -1.20 -13.91
N GLN B 28 25.76 -1.78 -14.12
CA GLN B 28 26.96 -1.03 -14.44
C GLN B 28 27.69 -1.92 -15.44
N ASN B 29 28.01 -1.37 -16.61
CA ASN B 29 28.72 -2.14 -17.64
C ASN B 29 27.92 -3.38 -18.02
N ASP B 30 26.60 -3.26 -17.99
CA ASP B 30 25.69 -4.34 -18.36
C ASP B 30 25.53 -5.45 -17.31
N LYS B 31 26.36 -5.43 -16.28
CA LYS B 31 26.25 -6.45 -15.23
C LYS B 31 25.52 -5.88 -14.00
N PRO B 32 25.00 -6.77 -13.15
CA PRO B 32 24.28 -6.33 -11.95
C PRO B 32 25.16 -5.45 -11.05
N PHE B 33 24.60 -4.33 -10.59
CA PHE B 33 25.33 -3.42 -9.72
C PHE B 33 25.32 -3.98 -8.31
N ARG B 34 26.47 -4.39 -7.80
CA ARG B 34 26.53 -4.96 -6.46
C ARG B 34 27.72 -4.54 -5.60
N PRO B 35 27.85 -3.23 -5.31
CA PRO B 35 28.97 -2.77 -4.48
C PRO B 35 28.93 -3.44 -3.11
N VAL B 36 30.08 -3.96 -2.65
CA VAL B 36 30.10 -4.65 -1.37
C VAL B 36 30.53 -3.77 -0.20
N ASN B 37 31.01 -2.57 -0.50
CA ASN B 37 31.41 -1.65 0.55
C ASN B 37 31.18 -0.21 0.10
N LYS B 38 31.22 0.71 1.06
CA LYS B 38 30.98 2.12 0.79
C LYS B 38 31.91 2.68 -0.29
N GLU B 39 33.16 2.23 -0.27
CA GLU B 39 34.15 2.70 -1.24
C GLU B 39 33.76 2.54 -2.70
N GLN B 40 33.36 1.36 -3.13
CA GLN B 40 32.99 1.17 -4.54
C GLN B 40 31.70 1.90 -4.89
N THR B 41 31.02 2.38 -3.86
CA THR B 41 29.78 3.11 -4.00
C THR B 41 30.13 4.56 -4.40
N GLN B 42 31.19 5.09 -3.81
CA GLN B 42 31.67 6.45 -4.09
C GLN B 42 32.11 6.52 -5.55
N ALA B 43 32.70 5.43 -6.03
CA ALA B 43 33.17 5.37 -7.41
C ALA B 43 31.99 5.50 -8.37
N ALA B 44 31.00 4.65 -8.18
CA ALA B 44 29.81 4.67 -9.02
C ALA B 44 29.19 6.06 -9.02
N VAL B 45 29.18 6.70 -7.86
CA VAL B 45 28.60 8.05 -7.74
C VAL B 45 29.35 9.05 -8.62
N SER B 46 30.67 8.97 -8.62
CA SER B 46 31.48 9.90 -9.42
C SER B 46 31.15 9.78 -10.90
N LEU B 47 30.94 8.56 -11.38
CA LEU B 47 30.62 8.37 -12.79
C LEU B 47 29.19 8.84 -13.10
N LEU B 48 28.25 8.52 -12.22
CA LEU B 48 26.85 8.92 -12.42
C LEU B 48 26.61 10.41 -12.36
N GLU B 49 27.36 11.12 -11.52
CA GLU B 49 27.18 12.56 -11.39
C GLU B 49 27.48 13.33 -12.66
N LYS B 50 28.28 12.75 -13.55
CA LYS B 50 28.63 13.44 -14.79
C LYS B 50 27.94 12.87 -16.02
N ALA B 51 27.08 11.87 -15.83
CA ALA B 51 26.39 11.24 -16.94
C ALA B 51 25.08 11.90 -17.37
N ARG B 52 24.57 11.49 -18.52
CA ARG B 52 23.31 11.99 -19.04
C ARG B 52 22.26 10.91 -18.76
N TYR B 53 21.10 11.34 -18.26
CA TYR B 53 20.03 10.43 -17.93
C TYR B 53 18.91 10.45 -18.96
N SER B 54 18.56 9.27 -19.47
CA SER B 54 17.51 9.13 -20.48
C SER B 54 16.64 7.92 -20.19
N VAL B 55 15.34 8.07 -20.45
CA VAL B 55 14.39 6.99 -20.24
C VAL B 55 14.52 5.98 -21.37
N LEU B 56 14.75 4.73 -21.01
CA LEU B 56 14.89 3.68 -22.01
C LEU B 56 13.56 3.00 -22.27
N GLU B 57 12.79 2.78 -21.21
CA GLU B 57 11.50 2.12 -21.35
C GLU B 57 10.54 2.39 -20.21
N ARG B 58 9.26 2.33 -20.54
CA ARG B 58 8.20 2.51 -19.57
C ARG B 58 7.20 1.37 -19.76
N GLU B 59 6.89 0.68 -18.68
CA GLU B 59 5.96 -0.44 -18.73
C GLU B 59 4.88 -0.31 -17.66
N ASP B 60 3.63 -0.50 -18.09
CA ASP B 60 2.47 -0.44 -17.19
C ASP B 60 1.71 -1.77 -17.25
N LYS B 61 1.55 -2.43 -16.10
CA LYS B 61 0.83 -3.69 -16.12
C LYS B 61 0.21 -4.05 -14.79
N PRO B 62 -0.94 -4.73 -14.85
CA PRO B 62 -1.68 -5.16 -13.65
C PRO B 62 -0.89 -6.26 -12.93
N THR B 63 -0.80 -6.17 -11.61
CA THR B 63 -0.11 -7.17 -10.81
C THR B 63 -0.99 -7.53 -9.62
N THR B 64 -0.71 -8.67 -9.01
CA THR B 64 -1.48 -9.12 -7.86
C THR B 64 -0.54 -9.51 -6.73
N SER B 65 -1.08 -9.46 -5.53
CA SER B 65 -0.32 -9.83 -4.35
C SER B 65 -1.22 -10.81 -3.62
N LYS B 66 -0.89 -12.10 -3.73
CA LYS B 66 -1.65 -13.17 -3.11
C LYS B 66 -1.39 -13.24 -1.60
N PRO B 67 -2.37 -13.72 -0.83
CA PRO B 67 -2.17 -13.81 0.62
C PRO B 67 -1.19 -14.95 0.94
N GLY B 68 -0.57 -14.90 2.11
CA GLY B 68 0.35 -15.97 2.47
C GLY B 68 -0.43 -17.13 3.08
N ALA B 69 0.24 -18.26 3.22
CA ALA B 69 -0.40 -19.44 3.78
C ALA B 69 -0.66 -19.31 5.27
N PRO B 70 -1.59 -20.11 5.80
CA PRO B 70 -1.84 -20.00 7.24
C PRO B 70 -0.51 -20.37 7.90
N PHE B 71 -0.30 -19.93 9.13
CA PHE B 71 0.94 -20.18 9.82
C PHE B 71 1.23 -21.63 10.14
N ILE B 72 2.53 -21.95 10.17
CA ILE B 72 3.02 -23.23 10.62
C ILE B 72 3.99 -22.73 11.71
N THR B 73 4.64 -23.62 12.43
CA THR B 73 5.52 -23.19 13.50
C THR B 73 6.59 -22.17 13.11
N SER B 74 7.40 -22.49 12.10
CA SER B 74 8.45 -21.57 11.71
C SER B 74 7.95 -20.20 11.26
N THR B 75 6.98 -20.15 10.36
CA THR B 75 6.49 -18.85 9.89
C THR B 75 5.80 -18.02 10.97
N LEU B 76 5.24 -18.69 11.98
CA LEU B 76 4.59 -17.98 13.07
C LEU B 76 5.69 -17.30 13.91
N GLN B 77 6.76 -18.03 14.16
CA GLN B 77 7.86 -17.46 14.93
C GLN B 77 8.42 -16.23 14.21
N GLN B 78 8.59 -16.34 12.89
CA GLN B 78 9.13 -15.22 12.13
C GLN B 78 8.18 -14.04 12.15
N ALA B 79 6.91 -14.28 11.88
CA ALA B 79 5.94 -13.20 11.88
C ALA B 79 5.82 -12.57 13.27
N ALA B 80 5.90 -13.39 14.32
CA ALA B 80 5.80 -12.86 15.68
C ALA B 80 7.01 -11.99 16.00
N SER B 81 8.17 -12.35 15.46
CA SER B 81 9.38 -11.59 15.68
C SER B 81 9.22 -10.20 15.03
N THR B 82 8.96 -10.21 13.72
CA THR B 82 8.79 -8.99 12.93
C THR B 82 7.63 -8.10 13.39
N ARG B 83 6.42 -8.65 13.42
CA ARG B 83 5.25 -7.88 13.79
C ARG B 83 4.98 -7.61 15.27
N LEU B 84 5.55 -8.42 16.15
CA LEU B 84 5.31 -8.21 17.57
C LEU B 84 6.59 -8.03 18.38
N GLY B 85 7.71 -8.45 17.80
CA GLY B 85 8.99 -8.36 18.47
C GLY B 85 9.21 -9.50 19.45
N PHE B 86 8.50 -10.61 19.26
CA PHE B 86 8.61 -11.78 20.14
C PHE B 86 9.76 -12.72 19.78
N GLY B 87 10.55 -13.09 20.78
CA GLY B 87 11.64 -14.03 20.54
C GLY B 87 10.97 -15.40 20.42
N VAL B 88 11.66 -16.36 19.82
CA VAL B 88 11.10 -17.69 19.63
C VAL B 88 10.51 -18.34 20.89
N LYS B 89 11.24 -18.28 22.01
CA LYS B 89 10.76 -18.88 23.25
C LYS B 89 9.50 -18.22 23.75
N LYS B 90 9.43 -16.90 23.60
CA LYS B 90 8.25 -16.16 24.04
C LYS B 90 7.05 -16.53 23.18
N THR B 91 7.26 -16.66 21.88
CA THR B 91 6.19 -17.00 20.96
C THR B 91 5.65 -18.40 21.28
N MET B 92 6.56 -19.36 21.33
CA MET B 92 6.18 -20.73 21.63
C MET B 92 5.48 -20.86 22.97
N MET B 93 5.92 -20.09 23.94
CA MET B 93 5.32 -20.11 25.27
C MET B 93 3.90 -19.56 25.22
N MET B 94 3.71 -18.47 24.48
CA MET B 94 2.37 -17.90 24.37
C MET B 94 1.50 -18.83 23.54
N ALA B 95 2.11 -19.48 22.54
CA ALA B 95 1.38 -20.42 21.69
C ALA B 95 0.88 -21.58 22.57
N GLN B 96 1.80 -22.19 23.32
CA GLN B 96 1.48 -23.31 24.19
C GLN B 96 0.31 -22.91 25.11
N ARG B 97 0.34 -21.66 25.56
CA ARG B 97 -0.70 -21.13 26.42
C ARG B 97 -2.04 -21.06 25.68
N LEU B 98 -2.02 -20.51 24.48
CA LEU B 98 -3.24 -20.40 23.67
C LEU B 98 -3.81 -21.79 23.33
N TYR B 99 -2.92 -22.74 23.08
CA TYR B 99 -3.34 -24.11 22.76
C TYR B 99 -4.01 -24.81 23.95
N GLU B 100 -3.29 -24.91 25.06
CA GLU B 100 -3.82 -25.57 26.24
C GLU B 100 -5.13 -24.98 26.70
N ALA B 101 -5.43 -23.77 26.23
CA ALA B 101 -6.66 -23.09 26.58
C ALA B 101 -7.71 -23.35 25.51
N GLY B 102 -7.32 -24.13 24.50
CA GLY B 102 -8.21 -24.47 23.41
C GLY B 102 -8.59 -23.40 22.41
N TYR B 103 -7.79 -22.34 22.29
CA TYR B 103 -8.08 -21.25 21.37
C TYR B 103 -7.52 -21.45 19.97
N ILE B 104 -6.39 -22.15 19.87
CA ILE B 104 -5.75 -22.38 18.60
C ILE B 104 -5.41 -23.86 18.43
N THR B 105 -5.17 -24.25 17.19
CA THR B 105 -4.81 -25.63 16.92
C THR B 105 -3.39 -25.85 17.40
N TYR B 106 -2.95 -27.11 17.43
CA TYR B 106 -1.61 -27.45 17.90
C TYR B 106 -0.54 -26.54 17.27
N MET B 107 0.31 -25.95 18.11
CA MET B 107 1.34 -25.01 17.68
C MET B 107 2.69 -25.53 17.16
N ARG B 108 2.83 -26.85 17.04
CA ARG B 108 4.06 -27.42 16.51
C ARG B 108 3.70 -28.20 15.27
N THR B 109 3.75 -27.52 14.13
CA THR B 109 3.38 -28.13 12.87
C THR B 109 4.19 -27.62 11.68
N ASP B 110 4.25 -28.43 10.63
CA ASP B 110 4.94 -28.07 9.40
C ASP B 110 3.92 -28.14 8.27
N SER B 111 2.66 -28.26 8.62
CA SER B 111 1.60 -28.39 7.64
C SER B 111 0.75 -27.15 7.44
N THR B 112 0.57 -26.75 6.18
CA THR B 112 -0.25 -25.59 5.87
C THR B 112 -1.68 -26.03 5.56
N ASN B 113 -2.01 -27.30 5.81
CA ASN B 113 -3.36 -27.81 5.57
C ASN B 113 -4.40 -27.13 6.45
N LEU B 114 -5.62 -27.05 5.96
CA LEU B 114 -6.74 -26.48 6.69
C LEU B 114 -7.90 -27.44 6.44
N SER B 115 -8.53 -27.93 7.51
CA SER B 115 -9.64 -28.86 7.37
C SER B 115 -10.81 -28.22 6.63
N GLN B 116 -11.63 -29.05 6.01
CA GLN B 116 -12.80 -28.55 5.28
C GLN B 116 -13.66 -27.68 6.21
N ASP B 117 -13.82 -28.11 7.45
CA ASP B 117 -14.63 -27.35 8.39
C ASP B 117 -14.02 -25.97 8.61
N ALA B 118 -12.72 -25.94 8.84
CA ALA B 118 -12.00 -24.70 9.06
C ALA B 118 -12.24 -23.74 7.88
N VAL B 119 -12.03 -24.24 6.67
CA VAL B 119 -12.23 -23.43 5.47
C VAL B 119 -13.64 -22.87 5.37
N ASN B 120 -14.63 -23.75 5.49
CA ASN B 120 -16.01 -23.30 5.40
C ASN B 120 -16.30 -22.29 6.49
N MET B 121 -15.75 -22.52 7.68
CA MET B 121 -15.94 -21.62 8.80
C MET B 121 -15.42 -20.22 8.47
N VAL B 122 -14.18 -20.11 8.04
CA VAL B 122 -13.62 -18.79 7.73
C VAL B 122 -14.26 -18.13 6.50
N ARG B 123 -14.63 -18.91 5.49
CA ARG B 123 -15.27 -18.33 4.31
C ARG B 123 -16.64 -17.77 4.69
N GLY B 124 -17.26 -18.41 5.67
CA GLY B 124 -18.55 -17.94 6.13
C GLY B 124 -18.34 -16.57 6.77
N TYR B 125 -17.29 -16.47 7.57
CA TYR B 125 -16.96 -15.22 8.23
C TYR B 125 -16.71 -14.14 7.18
N ILE B 126 -15.86 -14.46 6.20
CA ILE B 126 -15.54 -13.51 5.15
C ILE B 126 -16.81 -13.05 4.42
N SER B 127 -17.70 -13.99 4.09
CA SER B 127 -18.94 -13.65 3.39
C SER B 127 -19.81 -12.67 4.18
N ASP B 128 -19.89 -12.87 5.49
CA ASP B 128 -20.71 -12.00 6.33
C ASP B 128 -20.11 -10.66 6.65
N ASN B 129 -18.80 -10.59 6.79
CA ASN B 129 -18.16 -9.35 7.17
C ASN B 129 -17.51 -8.51 6.08
N PHE B 130 -17.41 -9.03 4.87
CA PHE B 130 -16.78 -8.28 3.79
C PHE B 130 -17.57 -8.42 2.50
N GLY B 131 -17.27 -7.54 1.54
CA GLY B 131 -17.94 -7.58 0.26
C GLY B 131 -17.76 -8.91 -0.44
N LYS B 132 -18.38 -9.05 -1.60
CA LYS B 132 -18.30 -10.29 -2.37
C LYS B 132 -16.92 -10.39 -3.03
N LYS B 133 -16.36 -9.24 -3.34
CA LYS B 133 -15.05 -9.19 -3.99
C LYS B 133 -13.94 -9.74 -3.10
N TYR B 134 -14.24 -9.93 -1.82
CA TYR B 134 -13.27 -10.44 -0.87
C TYR B 134 -13.26 -11.96 -0.69
N LEU B 135 -14.25 -12.65 -1.25
CA LEU B 135 -14.32 -14.11 -1.12
C LEU B 135 -13.96 -14.81 -2.43
N PRO B 136 -12.84 -15.54 -2.43
CA PRO B 136 -12.46 -16.24 -3.67
C PRO B 136 -13.58 -17.15 -4.15
N GLU B 137 -13.69 -17.35 -5.46
CA GLU B 137 -14.71 -18.24 -5.99
C GLU B 137 -14.48 -19.63 -5.40
N SER B 138 -13.23 -20.06 -5.39
CA SER B 138 -12.88 -21.36 -4.81
C SER B 138 -11.88 -21.13 -3.68
N PRO B 139 -11.87 -22.02 -2.68
CA PRO B 139 -10.95 -21.87 -1.55
C PRO B 139 -9.49 -21.76 -1.99
N ASN B 140 -8.64 -21.30 -1.07
CA ASN B 140 -7.22 -21.19 -1.36
C ASN B 140 -6.51 -22.34 -0.68
N GLN B 141 -5.76 -23.12 -1.43
CA GLN B 141 -5.00 -24.23 -0.86
C GLN B 141 -3.54 -23.84 -0.94
N TYR B 142 -2.75 -24.26 0.05
CA TYR B 142 -1.34 -23.91 0.04
C TYR B 142 -0.45 -25.16 0.03
N ALA B 143 0.74 -25.01 -0.55
CA ALA B 143 1.68 -26.12 -0.64
C ALA B 143 2.26 -26.43 0.75
N SER B 144 2.54 -27.70 1.01
CA SER B 144 3.14 -28.11 2.28
C SER B 144 4.02 -29.34 2.07
N GLU B 150 3.37 -36.17 12.11
CA GLU B 150 3.38 -34.74 12.42
C GLU B 150 1.98 -34.16 12.38
N ALA B 151 1.83 -32.98 12.98
CA ALA B 151 0.57 -32.25 13.08
C ALA B 151 -0.55 -32.52 12.06
N HIS B 152 -0.37 -32.07 10.82
CA HIS B 152 -1.35 -32.23 9.74
C HIS B 152 -2.28 -31.03 9.49
N GLU B 153 -2.19 -30.00 10.32
CA GLU B 153 -2.98 -28.79 10.13
C GLU B 153 -2.17 -27.58 10.55
N ALA B 154 -2.43 -26.45 9.89
CA ALA B 154 -1.74 -25.21 10.18
C ALA B 154 -2.24 -24.63 11.50
N ILE B 155 -1.48 -23.69 12.06
CA ILE B 155 -1.86 -23.04 13.30
C ILE B 155 -2.94 -22.04 12.91
N ARG B 156 -4.09 -22.14 13.56
CA ARG B 156 -5.22 -21.28 13.29
C ARG B 156 -6.13 -21.27 14.52
N PRO B 157 -7.07 -20.32 14.58
CA PRO B 157 -7.98 -20.25 15.73
C PRO B 157 -9.03 -21.37 15.67
N SER B 158 -9.39 -21.91 16.83
CA SER B 158 -10.39 -22.96 16.92
C SER B 158 -11.73 -22.42 16.44
N ASP B 159 -11.96 -21.14 16.70
CA ASP B 159 -13.21 -20.49 16.31
C ASP B 159 -12.92 -19.10 15.74
N VAL B 160 -13.28 -18.88 14.48
CA VAL B 160 -13.05 -17.60 13.82
C VAL B 160 -13.84 -16.49 14.48
N ASN B 161 -14.96 -16.86 15.10
CA ASN B 161 -15.83 -15.88 15.76
C ASN B 161 -15.27 -15.38 17.08
N VAL B 162 -14.31 -16.10 17.64
CA VAL B 162 -13.70 -15.68 18.89
C VAL B 162 -12.59 -14.71 18.54
N MET B 163 -12.69 -13.49 19.05
CA MET B 163 -11.69 -12.46 18.78
C MET B 163 -10.70 -12.40 19.94
N ALA B 164 -9.47 -11.97 19.64
CA ALA B 164 -8.43 -11.87 20.66
C ALA B 164 -8.88 -11.03 21.84
N GLU B 165 -9.51 -9.91 21.54
CA GLU B 165 -10.00 -8.98 22.54
C GLU B 165 -10.91 -9.63 23.57
N SER B 166 -11.72 -10.58 23.14
CA SER B 166 -12.63 -11.25 24.06
C SER B 166 -12.14 -12.61 24.53
N LEU B 167 -10.83 -12.77 24.68
CA LEU B 167 -10.30 -14.04 25.15
C LEU B 167 -10.73 -14.28 26.58
N LYS B 168 -9.80 -14.14 27.52
CA LYS B 168 -10.11 -14.35 28.94
C LYS B 168 -8.90 -14.18 29.84
N ASP B 169 -8.52 -15.27 30.50
CA ASP B 169 -7.39 -15.31 31.40
C ASP B 169 -6.10 -15.46 30.62
N MET B 170 -6.12 -14.99 29.37
CA MET B 170 -4.94 -15.03 28.54
C MET B 170 -4.29 -13.67 28.72
N GLU B 171 -2.98 -13.64 28.91
CA GLU B 171 -2.29 -12.38 29.10
C GLU B 171 -2.18 -11.59 27.81
N ALA B 172 -1.73 -10.35 27.93
CA ALA B 172 -1.60 -9.43 26.81
C ALA B 172 -0.91 -9.99 25.57
N ASP B 173 0.31 -10.50 25.73
CA ASP B 173 1.05 -11.05 24.60
C ASP B 173 0.38 -12.24 23.93
N ALA B 174 -0.32 -13.05 24.71
CA ALA B 174 -1.01 -14.22 24.17
C ALA B 174 -2.20 -13.75 23.36
N GLN B 175 -2.80 -12.64 23.79
CA GLN B 175 -3.94 -12.07 23.08
C GLN B 175 -3.46 -11.51 21.74
N LYS B 176 -2.29 -10.89 21.77
CA LYS B 176 -1.72 -10.30 20.56
C LYS B 176 -1.28 -11.40 19.60
N LEU B 177 -0.70 -12.46 20.16
CA LEU B 177 -0.24 -13.58 19.35
C LEU B 177 -1.44 -14.22 18.69
N TYR B 178 -2.57 -14.23 19.40
CA TYR B 178 -3.79 -14.79 18.86
C TYR B 178 -4.31 -13.96 17.68
N GLN B 179 -4.34 -12.64 17.87
CA GLN B 179 -4.79 -11.74 16.81
C GLN B 179 -3.97 -11.95 15.54
N LEU B 180 -2.66 -12.10 15.70
CA LEU B 180 -1.78 -12.33 14.56
C LEU B 180 -2.15 -13.62 13.83
N ILE B 181 -2.37 -14.68 14.61
CA ILE B 181 -2.73 -15.99 14.07
C ILE B 181 -4.11 -15.89 13.42
N TRP B 182 -5.03 -15.19 14.08
CA TRP B 182 -6.38 -15.03 13.59
C TRP B 182 -6.39 -14.32 12.23
N ARG B 183 -5.68 -13.19 12.17
CA ARG B 183 -5.61 -12.40 10.95
C ARG B 183 -4.96 -13.15 9.79
N GLN B 184 -3.88 -13.87 10.06
CA GLN B 184 -3.21 -14.64 9.00
C GLN B 184 -4.16 -15.70 8.45
N PHE B 185 -4.93 -16.32 9.34
CA PHE B 185 -5.87 -17.36 8.97
C PHE B 185 -6.99 -16.82 8.10
N VAL B 186 -7.58 -15.71 8.49
CA VAL B 186 -8.67 -15.13 7.73
C VAL B 186 -8.17 -14.61 6.39
N ALA B 187 -7.04 -13.92 6.40
CA ALA B 187 -6.51 -13.38 5.15
C ALA B 187 -6.13 -14.46 4.13
N CYS B 188 -5.69 -15.62 4.60
CA CYS B 188 -5.27 -16.67 3.66
C CYS B 188 -6.42 -17.19 2.81
N GLN B 189 -7.65 -16.91 3.23
CA GLN B 189 -8.83 -17.36 2.47
C GLN B 189 -9.54 -16.21 1.76
N MET B 190 -8.89 -15.05 1.75
CA MET B 190 -9.45 -13.88 1.08
C MET B 190 -8.82 -13.73 -0.30
N THR B 191 -9.40 -12.87 -1.11
CA THR B 191 -8.89 -12.66 -2.47
C THR B 191 -7.59 -11.86 -2.48
N PRO B 192 -6.88 -11.90 -3.61
CA PRO B 192 -5.60 -11.19 -3.76
C PRO B 192 -5.80 -9.66 -3.79
N ALA B 193 -4.76 -8.92 -3.45
CA ALA B 193 -4.83 -7.46 -3.53
C ALA B 193 -4.38 -7.22 -4.96
N LYS B 194 -4.91 -6.20 -5.63
CA LYS B 194 -4.53 -5.94 -7.01
C LYS B 194 -3.98 -4.54 -7.17
N TYR B 195 -3.01 -4.41 -8.08
CA TYR B 195 -2.37 -3.13 -8.33
C TYR B 195 -2.11 -2.91 -9.81
N ASP B 196 -1.80 -1.67 -10.14
CA ASP B 196 -1.43 -1.30 -11.49
C ASP B 196 -0.01 -0.78 -11.29
N SER B 197 0.95 -1.57 -11.76
CA SER B 197 2.37 -1.28 -11.62
C SER B 197 2.99 -0.61 -12.83
N THR B 198 3.99 0.22 -12.55
CA THR B 198 4.69 0.91 -13.60
C THR B 198 6.17 0.68 -13.35
N THR B 199 6.90 0.36 -14.41
CA THR B 199 8.32 0.15 -14.30
C THR B 199 9.01 1.07 -15.30
N LEU B 200 9.95 1.89 -14.81
CA LEU B 200 10.70 2.80 -15.67
C LEU B 200 12.16 2.34 -15.71
N THR B 201 12.73 2.29 -16.91
CA THR B 201 14.14 1.92 -17.04
C THR B 201 14.87 3.15 -17.54
N VAL B 202 15.96 3.49 -16.90
CA VAL B 202 16.72 4.66 -17.29
C VAL B 202 18.18 4.36 -17.61
N GLY B 203 18.70 5.09 -18.60
CA GLY B 203 20.08 4.92 -19.01
C GLY B 203 20.94 6.13 -18.66
N ALA B 204 22.11 5.87 -18.12
CA ALA B 204 23.02 6.94 -17.75
C ALA B 204 24.45 6.43 -17.84
N GLY B 205 25.21 7.00 -18.78
CA GLY B 205 26.58 6.57 -18.95
C GLY B 205 26.62 5.05 -19.09
N ASP B 206 27.47 4.39 -18.32
CA ASP B 206 27.54 2.95 -18.40
C ASP B 206 26.61 2.26 -17.42
N PHE B 207 25.68 3.01 -16.84
CA PHE B 207 24.75 2.44 -15.89
C PHE B 207 23.31 2.41 -16.40
N ARG B 208 22.49 1.64 -15.69
CA ARG B 208 21.07 1.52 -15.99
C ARG B 208 20.38 1.60 -14.63
N LEU B 209 19.25 2.29 -14.57
CA LEU B 209 18.53 2.42 -13.33
C LEU B 209 17.06 2.14 -13.59
N LYS B 210 16.30 1.96 -12.52
CA LYS B 210 14.89 1.72 -12.68
C LYS B 210 14.10 2.34 -11.56
N ALA B 211 12.82 2.54 -11.81
CA ALA B 211 11.91 3.09 -10.83
C ALA B 211 10.72 2.15 -10.89
N ARG B 212 10.18 1.79 -9.74
CA ARG B 212 9.03 0.92 -9.72
C ARG B 212 7.97 1.62 -8.89
N GLY B 213 6.74 1.62 -9.40
CA GLY B 213 5.67 2.26 -8.68
C GLY B 213 4.44 1.41 -8.85
N ARG B 214 3.48 1.54 -7.96
CA ARG B 214 2.27 0.78 -8.09
C ARG B 214 1.12 1.46 -7.40
N ILE B 215 -0.01 1.44 -8.06
CA ILE B 215 -1.25 2.04 -7.58
C ILE B 215 -2.19 0.93 -7.12
N LEU B 216 -2.65 1.04 -5.88
CA LEU B 216 -3.57 0.06 -5.31
C LEU B 216 -4.94 0.16 -5.98
N ARG B 217 -5.42 -0.96 -6.51
CA ARG B 217 -6.74 -1.01 -7.14
C ARG B 217 -7.74 -1.76 -6.25
N PHE B 218 -7.28 -2.77 -5.53
CA PHE B 218 -8.14 -3.55 -4.63
C PHE B 218 -7.30 -4.08 -3.48
N ASP B 219 -7.69 -3.76 -2.24
CA ASP B 219 -6.90 -4.19 -1.09
C ASP B 219 -7.00 -5.67 -0.75
N GLY B 220 -8.14 -6.29 -1.06
CA GLY B 220 -8.32 -7.70 -0.79
C GLY B 220 -7.91 -8.12 0.61
N TRP B 221 -7.10 -9.17 0.68
CA TRP B 221 -6.66 -9.70 1.97
C TRP B 221 -5.98 -8.67 2.87
N THR B 222 -5.34 -7.64 2.29
CA THR B 222 -4.68 -6.64 3.11
C THR B 222 -5.63 -5.83 3.99
N LYS B 223 -6.93 -6.01 3.79
CA LYS B 223 -7.91 -5.31 4.60
C LYS B 223 -7.88 -5.87 6.03
N VAL B 224 -7.59 -7.16 6.18
CA VAL B 224 -7.56 -7.70 7.53
C VAL B 224 -6.14 -7.91 8.04
N MET B 225 -5.22 -8.24 7.14
CA MET B 225 -3.80 -8.45 7.49
C MET B 225 -2.97 -7.44 6.67
N PRO B 226 -2.43 -6.41 7.32
CA PRO B 226 -1.63 -5.39 6.62
C PRO B 226 -0.37 -5.98 6.00
N ALA B 227 -0.11 -5.63 4.74
CA ALA B 227 1.09 -6.10 4.07
C ALA B 227 2.29 -5.40 4.69
N LEU B 228 3.49 -5.96 4.58
CA LEU B 228 4.66 -5.33 5.18
C LEU B 228 5.52 -4.57 4.17
N ASP B 234 4.67 1.58 -5.21
CA ASP B 234 4.66 1.97 -3.81
C ASP B 234 4.08 3.38 -3.71
N ARG B 235 4.42 4.17 -4.71
CA ARG B 235 4.00 5.57 -4.86
C ARG B 235 3.62 5.71 -6.34
N ILE B 236 3.23 6.91 -6.77
CA ILE B 236 2.87 7.08 -8.16
C ILE B 236 3.96 7.74 -9.00
N LEU B 237 4.50 6.99 -9.96
CA LEU B 237 5.56 7.49 -10.83
C LEU B 237 5.02 8.53 -11.81
N PRO B 238 5.72 9.66 -11.96
CA PRO B 238 5.29 10.71 -12.88
C PRO B 238 5.37 10.29 -14.33
N ALA B 239 4.55 10.93 -15.17
CA ALA B 239 4.54 10.64 -16.60
C ALA B 239 5.85 11.06 -17.27
N VAL B 240 6.43 10.13 -18.03
CA VAL B 240 7.67 10.34 -18.78
C VAL B 240 7.61 9.32 -19.92
N ASN B 241 8.35 9.57 -20.98
CA ASN B 241 8.34 8.67 -22.12
C ASN B 241 9.73 8.27 -22.54
N LYS B 242 9.83 7.19 -23.31
CA LYS B 242 11.13 6.72 -23.79
C LYS B 242 11.81 7.89 -24.49
N GLY B 243 13.08 8.11 -24.19
CA GLY B 243 13.81 9.18 -24.83
C GLY B 243 13.84 10.49 -24.06
N ASP B 244 13.00 10.61 -23.03
CA ASP B 244 12.97 11.81 -22.23
C ASP B 244 14.24 11.93 -21.42
N ALA B 245 14.77 13.15 -21.35
CA ALA B 245 15.96 13.37 -20.55
C ALA B 245 15.46 13.72 -19.16
N LEU B 246 16.28 13.41 -18.15
CA LEU B 246 15.94 13.68 -16.77
C LEU B 246 16.99 14.60 -16.18
N THR B 247 16.56 15.47 -15.26
CA THR B 247 17.48 16.38 -14.59
C THR B 247 17.97 15.63 -13.34
N LEU B 248 19.27 15.50 -13.16
CA LEU B 248 19.81 14.82 -12.00
C LEU B 248 19.86 15.80 -10.83
N VAL B 249 19.33 15.39 -9.70
CA VAL B 249 19.33 16.26 -8.53
C VAL B 249 20.41 15.80 -7.55
N GLU B 250 20.37 14.53 -7.15
CA GLU B 250 21.35 14.00 -6.20
C GLU B 250 21.41 12.48 -6.20
N LEU B 251 22.60 11.93 -5.99
CA LEU B 251 22.80 10.51 -5.92
C LEU B 251 23.03 10.17 -4.44
N THR B 252 22.41 9.10 -3.98
CA THR B 252 22.46 8.74 -2.57
C THR B 252 22.86 7.28 -2.23
N PRO B 253 24.12 7.05 -1.84
CA PRO B 253 24.46 5.65 -1.51
C PRO B 253 23.70 5.28 -0.25
N ALA B 254 23.34 4.01 -0.10
CA ALA B 254 22.60 3.58 1.08
C ALA B 254 22.75 2.08 1.34
N GLN B 255 22.57 1.66 2.59
CA GLN B 255 22.65 0.26 2.93
C GLN B 255 21.53 -0.05 3.90
N HIS B 256 21.02 -1.28 3.88
CA HIS B 256 19.93 -1.68 4.77
C HIS B 256 20.42 -2.62 5.86
N PHE B 257 19.92 -2.43 7.07
CA PHE B 257 20.24 -3.28 8.20
C PHE B 257 18.91 -3.87 8.63
N THR B 258 18.79 -5.19 8.56
CA THR B 258 17.54 -5.85 8.92
C THR B 258 17.64 -6.76 10.13
N LYS B 259 16.60 -6.74 10.95
CA LYS B 259 16.57 -7.58 12.14
C LYS B 259 16.82 -9.02 11.75
N PRO B 260 17.74 -9.68 12.45
CA PRO B 260 18.05 -11.07 12.12
C PRO B 260 16.84 -11.99 12.31
N PRO B 261 16.79 -13.10 11.57
CA PRO B 261 15.70 -14.09 11.62
C PRO B 261 15.32 -14.52 13.04
#